data_3ULN
# 
_entry.id   3ULN 
# 
_audit_conform.dict_name       mmcif_pdbx.dic 
_audit_conform.dict_version    5.389 
_audit_conform.dict_location   http://mmcif.pdb.org/dictionaries/ascii/mmcif_pdbx.dic 
# 
loop_
_database_2.database_id 
_database_2.database_code 
_database_2.pdbx_database_accession 
_database_2.pdbx_DOI 
PDB   3ULN         pdb_00003uln 10.2210/pdb3uln/pdb 
NDB   NA1493       ?            ?                   
RCSB  RCSB068908   ?            ?                   
WWPDB D_1000068908 ?            ?                   
# 
loop_
_pdbx_audit_revision_history.ordinal 
_pdbx_audit_revision_history.data_content_type 
_pdbx_audit_revision_history.major_revision 
_pdbx_audit_revision_history.minor_revision 
_pdbx_audit_revision_history.revision_date 
1 'Structure model' 1 0 2012-07-25 
2 'Structure model' 1 1 2024-03-20 
3 'Structure model' 1 2 2024-04-03 
# 
_pdbx_audit_revision_details.ordinal             1 
_pdbx_audit_revision_details.revision_ordinal    1 
_pdbx_audit_revision_details.data_content_type   'Structure model' 
_pdbx_audit_revision_details.provider            repository 
_pdbx_audit_revision_details.type                'Initial release' 
_pdbx_audit_revision_details.description         ? 
_pdbx_audit_revision_details.details             ? 
# 
loop_
_pdbx_audit_revision_group.ordinal 
_pdbx_audit_revision_group.revision_ordinal 
_pdbx_audit_revision_group.data_content_type 
_pdbx_audit_revision_group.group 
1 2 'Structure model' 'Data collection'        
2 2 'Structure model' 'Database references'    
3 3 'Structure model' 'Refinement description' 
# 
loop_
_pdbx_audit_revision_category.ordinal 
_pdbx_audit_revision_category.revision_ordinal 
_pdbx_audit_revision_category.data_content_type 
_pdbx_audit_revision_category.category 
1 2 'Structure model' chem_comp_atom                
2 2 'Structure model' chem_comp_bond                
3 2 'Structure model' database_2                    
4 3 'Structure model' pdbx_initial_refinement_model 
# 
loop_
_pdbx_audit_revision_item.ordinal 
_pdbx_audit_revision_item.revision_ordinal 
_pdbx_audit_revision_item.data_content_type 
_pdbx_audit_revision_item.item 
1 2 'Structure model' '_database_2.pdbx_DOI'                
2 2 'Structure model' '_database_2.pdbx_database_accession' 
# 
_pdbx_database_status.status_code                     REL 
_pdbx_database_status.entry_id                        3ULN 
_pdbx_database_status.recvd_initial_deposition_date   2011-11-11 
_pdbx_database_status.deposit_site                    RCSB 
_pdbx_database_status.process_site                    PDBJ 
_pdbx_database_status.status_code_sf                  REL 
_pdbx_database_status.status_code_mr                  ? 
_pdbx_database_status.SG_entry                        ? 
_pdbx_database_status.status_code_cs                  ? 
_pdbx_database_status.methods_development_category    ? 
_pdbx_database_status.pdb_format_compatible           Y 
_pdbx_database_status.status_code_nmr_data            ? 
# 
loop_
_pdbx_database_related.db_name 
_pdbx_database_related.db_id 
_pdbx_database_related.details 
_pdbx_database_related.content_type 
PDB 3ULM 'stage (ii) in the ring crystal formation seen in oligonucleotide' unspecified 
PDB 3ULO 'stage (iv) in the ring crystal formation seen in oligonucleotide' unspecified 
PDB 3UM4 'Stage (i) Hexagonal plates'                                       unspecified 
# 
loop_
_audit_author.name 
_audit_author.pdbx_ordinal 
'Mandal, P.K.'  1 
'Venkadesh, S.' 2 
'Gautham, N.'   3 
# 
_citation.id                        primary 
_citation.title                     'Ring crystals of oligonucleotides: Growth stages and X-ray diffraction studies' 
_citation.journal_abbrev            J.Cryst.Growth 
_citation.journal_volume            354 
_citation.page_first                20 
_citation.page_last                 26 
_citation.year                      2012 
_citation.journal_id_ASTM           JCRGAE 
_citation.country                   NE 
_citation.journal_id_ISSN           0022-0248 
_citation.journal_id_CSD            0229 
_citation.book_publisher            ? 
_citation.pdbx_database_id_PubMed   ? 
_citation.pdbx_database_id_DOI      10.1016/j.jcrysgro.2012.05.029 
# 
loop_
_citation_author.citation_id 
_citation_author.name 
_citation_author.ordinal 
_citation_author.identifier_ORCID 
primary 'Mandal, P.K.'         1 ? 
primary 'Chandrasekaran, A.R.' 2 ? 
primary 'Madhanagopal, B.R.'   3 ? 
primary 'Venkadesh, S.'        4 ? 
primary 'Gautham, N.'          5 ? 
# 
loop_
_entity.id 
_entity.type 
_entity.src_method 
_entity.pdbx_description 
_entity.formula_weight 
_entity.pdbx_number_of_molecules 
_entity.pdbx_ec 
_entity.pdbx_mutation 
_entity.pdbx_fragment 
_entity.details 
1 polymer syn '6-mer DNA' 1221.840 2 ? ? ? ? 
2 water   nat water       18.015   3 ? ? ? ? 
# 
_entity_poly.entity_id                      1 
_entity_poly.type                           polydeoxyribonucleotide 
_entity_poly.nstd_linkage                   no 
_entity_poly.nstd_monomer                   no 
_entity_poly.pdbx_seq_one_letter_code       '(DT)(DG)(DT)(DG)' 
_entity_poly.pdbx_seq_one_letter_code_can   TGTG 
_entity_poly.pdbx_strand_id                 A,B 
_entity_poly.pdbx_target_identifier         ? 
# 
_pdbx_entity_nonpoly.entity_id   2 
_pdbx_entity_nonpoly.name        water 
_pdbx_entity_nonpoly.comp_id     HOH 
# 
loop_
_entity_poly_seq.entity_id 
_entity_poly_seq.num 
_entity_poly_seq.mon_id 
_entity_poly_seq.hetero 
1 1 DT n 
1 2 DG n 
1 3 DT n 
1 4 DG n 
# 
_pdbx_entity_src_syn.entity_id              1 
_pdbx_entity_src_syn.pdbx_src_id            1 
_pdbx_entity_src_syn.pdbx_alt_source_flag   sample 
_pdbx_entity_src_syn.pdbx_beg_seq_num       ? 
_pdbx_entity_src_syn.pdbx_end_seq_num       ? 
_pdbx_entity_src_syn.organism_scientific    ? 
_pdbx_entity_src_syn.organism_common_name   ? 
_pdbx_entity_src_syn.ncbi_taxonomy_id       ? 
_pdbx_entity_src_syn.details                'chemically synthesized by M/s Microsynth' 
# 
loop_
_chem_comp.id 
_chem_comp.type 
_chem_comp.mon_nstd_flag 
_chem_comp.name 
_chem_comp.pdbx_synonyms 
_chem_comp.formula 
_chem_comp.formula_weight 
DG  'DNA linking' y "2'-DEOXYGUANOSINE-5'-MONOPHOSPHATE" ? 'C10 H14 N5 O7 P' 347.221 
DT  'DNA linking' y "THYMIDINE-5'-MONOPHOSPHATE"         ? 'C10 H15 N2 O8 P' 322.208 
HOH non-polymer   . WATER                                ? 'H2 O'            18.015  
# 
loop_
_pdbx_poly_seq_scheme.asym_id 
_pdbx_poly_seq_scheme.entity_id 
_pdbx_poly_seq_scheme.seq_id 
_pdbx_poly_seq_scheme.mon_id 
_pdbx_poly_seq_scheme.ndb_seq_num 
_pdbx_poly_seq_scheme.pdb_seq_num 
_pdbx_poly_seq_scheme.auth_seq_num 
_pdbx_poly_seq_scheme.pdb_mon_id 
_pdbx_poly_seq_scheme.auth_mon_id 
_pdbx_poly_seq_scheme.pdb_strand_id 
_pdbx_poly_seq_scheme.pdb_ins_code 
_pdbx_poly_seq_scheme.hetero 
A 1 1 DT 1 1 1 DT DT A . n 
A 1 2 DG 2 2 2 DG DG A . n 
A 1 3 DT 3 3 3 DT DT A . n 
A 1 4 DG 4 4 4 DG DG A . n 
B 1 1 DT 1 5 5 DT DT B . n 
B 1 2 DG 2 6 6 DG DG B . n 
B 1 3 DT 3 7 7 DT DT B . n 
B 1 4 DG 4 8 8 DG DG B . n 
# 
loop_
_pdbx_nonpoly_scheme.asym_id 
_pdbx_nonpoly_scheme.entity_id 
_pdbx_nonpoly_scheme.mon_id 
_pdbx_nonpoly_scheme.ndb_seq_num 
_pdbx_nonpoly_scheme.pdb_seq_num 
_pdbx_nonpoly_scheme.auth_seq_num 
_pdbx_nonpoly_scheme.pdb_mon_id 
_pdbx_nonpoly_scheme.auth_mon_id 
_pdbx_nonpoly_scheme.pdb_strand_id 
_pdbx_nonpoly_scheme.pdb_ins_code 
C 2 HOH 1 101 1 HOH HOH A . 
C 2 HOH 2 102 2 HOH HOH A . 
C 2 HOH 3 103 3 HOH HOH A . 
# 
loop_
_software.name 
_software.classification 
_software.version 
_software.citation_id 
_software.pdbx_ordinal 
MAR345dtb 'data collection' .        ? 1 
PHASER    phasing           .        ? 2 
REFMAC    refinement        5.2.0019 ? 3 
AUTOMAR   'data reduction'  .        ? 4 
SCALEPACK 'data scaling'    .        ? 5 
# 
_cell.entry_id           3ULN 
_cell.length_a           17.816 
_cell.length_b           17.816 
_cell.length_c           43.006 
_cell.angle_alpha        90.00 
_cell.angle_beta         90.00 
_cell.angle_gamma        120.00 
_cell.Z_PDB              6 
_cell.pdbx_unique_axis   ? 
_cell.length_a_esd       ? 
_cell.length_b_esd       ? 
_cell.length_c_esd       ? 
_cell.angle_alpha_esd    ? 
_cell.angle_beta_esd     ? 
_cell.angle_gamma_esd    ? 
# 
_symmetry.entry_id                         3ULN 
_symmetry.space_group_name_H-M             'P 32' 
_symmetry.pdbx_full_space_group_name_H-M   ? 
_symmetry.cell_setting                     ? 
_symmetry.Int_Tables_number                145 
_symmetry.space_group_name_Hall            ? 
# 
_exptl.entry_id          3ULN 
_exptl.method            'X-RAY DIFFRACTION' 
_exptl.crystals_number   1 
# 
_exptl_crystal.id                    1 
_exptl_crystal.density_meas          ? 
_exptl_crystal.density_Matthews      1.61 
_exptl_crystal.density_percent_sol   23.723 
_exptl_crystal.description           ? 
_exptl_crystal.F_000                 ? 
_exptl_crystal.preparation           ? 
# 
_exptl_crystal_grow.crystal_id      1 
_exptl_crystal_grow.method          'VAPOR DIFFUSION, HANGING DROP' 
_exptl_crystal_grow.temp            293 
_exptl_crystal_grow.temp_details    ? 
_exptl_crystal_grow.pH              7 
_exptl_crystal_grow.pdbx_details    
;1mM DNA, 75mM sodium cacodylate trihydrate buffer (pH 7.0), 0.5mM cobalt hexammine chloride, 0.75mM spermine, equilibrated against 50% methyl pentane diol (MPD), VAPOR DIFFUSION, HANGING DROP, temperature 293K
;
_exptl_crystal_grow.pdbx_pH_range   ? 
# 
_diffrn.id                     1 
_diffrn.ambient_temp           100 
_diffrn.ambient_temp_details   ? 
_diffrn.crystal_id             1 
# 
_diffrn_detector.diffrn_id              1 
_diffrn_detector.detector               'IMAGE PLATE' 
_diffrn_detector.type                   'MAR scanner 345 mm plate' 
_diffrn_detector.pdbx_collection_date   2009-01-09 
_diffrn_detector.details                mirrors 
# 
_diffrn_radiation.diffrn_id                        1 
_diffrn_radiation.wavelength_id                    1 
_diffrn_radiation.pdbx_monochromatic_or_laue_m_l   M 
_diffrn_radiation.monochromator                    Graphite 
_diffrn_radiation.pdbx_diffrn_protocol             'SINGLE WAVELENGTH' 
_diffrn_radiation.pdbx_scattering_type             x-ray 
# 
_diffrn_radiation_wavelength.id           1 
_diffrn_radiation_wavelength.wavelength   1.54 
_diffrn_radiation_wavelength.wt           1.0 
# 
_diffrn_source.diffrn_id                   1 
_diffrn_source.source                      'ROTATING ANODE' 
_diffrn_source.type                        'BRUKER AXS MICROSTAR' 
_diffrn_source.pdbx_synchrotron_site       ? 
_diffrn_source.pdbx_synchrotron_beamline   ? 
_diffrn_source.pdbx_wavelength             ? 
_diffrn_source.pdbx_wavelength_list        1.54 
# 
_reflns.entry_id                     3ULN 
_reflns.observed_criterion_sigma_I   3.0 
_reflns.observed_criterion_sigma_F   ? 
_reflns.d_resolution_low             15.4 
_reflns.d_resolution_high            2.7 
_reflns.number_obs                   426 
_reflns.number_all                   ? 
_reflns.percent_possible_obs         100 
_reflns.pdbx_Rmerge_I_obs            0.0766 
_reflns.pdbx_Rsym_value              0.0635 
_reflns.pdbx_netI_over_sigmaI        4.3 
_reflns.B_iso_Wilson_estimate        65 
_reflns.pdbx_redundancy              8.71 
_reflns.R_free_details               ? 
_reflns.limit_h_max                  ? 
_reflns.limit_h_min                  ? 
_reflns.limit_k_max                  ? 
_reflns.limit_k_min                  ? 
_reflns.limit_l_max                  ? 
_reflns.limit_l_min                  ? 
_reflns.observed_criterion_F_max     ? 
_reflns.observed_criterion_F_min     ? 
_reflns.pdbx_chi_squared             ? 
_reflns.pdbx_scaling_rejects         ? 
_reflns.pdbx_ordinal                 1 
_reflns.pdbx_diffrn_id               1 
# 
_reflns_shell.d_res_high                  2.7 
_reflns_shell.d_res_low                   2.8 
_reflns_shell.percent_possible_all        100 
_reflns_shell.Rmerge_I_obs                0.458 
_reflns_shell.pdbx_Rsym_value             0.42 
_reflns_shell.meanI_over_sigI_obs         1.0 
_reflns_shell.pdbx_redundancy             8.27 
_reflns_shell.percent_possible_obs        ? 
_reflns_shell.number_unique_all           26 
_reflns_shell.number_measured_all         ? 
_reflns_shell.number_measured_obs         ? 
_reflns_shell.number_unique_obs           ? 
_reflns_shell.pdbx_chi_squared            ? 
_reflns_shell.pdbx_rejects                ? 
_reflns_shell.pdbx_netI_over_sigmaI_obs   ? 
_reflns_shell.number_possible             ? 
_reflns_shell.Rmerge_F_all                ? 
_reflns_shell.Rmerge_F_obs                ? 
_reflns_shell.Rmerge_I_all                ? 
_reflns_shell.meanI_over_sigI_all         ? 
_reflns_shell.pdbx_Rrim_I_all             ? 
_reflns_shell.pdbx_Rpim_I_all             ? 
_reflns_shell.pdbx_ordinal                1 
_reflns_shell.pdbx_diffrn_id              1 
# 
_refine.entry_id                                 3ULN 
_refine.ls_number_reflns_obs                     394 
_refine.ls_number_reflns_all                     394 
_refine.pdbx_ls_sigma_I                          ? 
_refine.pdbx_ls_sigma_F                          ? 
_refine.pdbx_data_cutoff_high_absF               ? 
_refine.pdbx_data_cutoff_low_absF                ? 
_refine.pdbx_data_cutoff_high_rms_absF           ? 
_refine.ls_d_res_low                             14.52 
_refine.ls_d_res_high                            2.72 
_refine.ls_percent_reflns_obs                    100.00 
_refine.ls_R_factor_obs                          0.24724 
_refine.ls_R_factor_all                          ? 
_refine.ls_R_factor_R_work                       0.24474 
_refine.ls_R_factor_R_free                       0.27738 
_refine.ls_R_factor_R_free_error                 ? 
_refine.ls_R_factor_R_free_error_details         ? 
_refine.ls_percent_reflns_R_free                 5.7 
_refine.ls_number_reflns_R_free                  24 
_refine.ls_number_parameters                     ? 
_refine.ls_number_restraints                     ? 
_refine.occupancy_min                            ? 
_refine.occupancy_max                            ? 
_refine.correlation_coeff_Fo_to_Fc               0.954 
_refine.correlation_coeff_Fo_to_Fc_free          0.949 
_refine.B_iso_mean                               42.419 
_refine.aniso_B[1][1]                            0.23 
_refine.aniso_B[2][2]                            0.23 
_refine.aniso_B[3][3]                            -0.35 
_refine.aniso_B[1][2]                            0.12 
_refine.aniso_B[1][3]                            0.00 
_refine.aniso_B[2][3]                            0.00 
_refine.solvent_model_details                    MASK 
_refine.solvent_model_param_ksol                 ? 
_refine.solvent_model_param_bsol                 ? 
_refine.pdbx_solvent_vdw_probe_radii             1.20 
_refine.pdbx_solvent_ion_probe_radii             0.80 
_refine.pdbx_solvent_shrinkage_radii             0.80 
_refine.pdbx_ls_cross_valid_method               THROUGHOUT 
_refine.details                                  
;THE DNA OLIGONUCLEOTIDE HAS SIX BASE PAIRS (D(CACGCG).D(CGCGTG)) AND FORMS THE Z-TYPE DOUBLE HELICAL STRUCTURE. THE STRUCTURE HAS STATISTICAL DIS-ORDER AND THE ASYMMETRIC UNIT CONTAINS A TETRAMERIC DUPLEX WHICH COULD STAND FOR EITHER CPGPCPG/CPGPCPG OR CPAPCPG/CPGPTPG OR CPGPCPA/TPGPCPG. DUE TO DISORDER, THE TETRANUCLEOTIDE WAS CONSTRUCTED AS TPGPTPG/TPGPTPG IN WHICH THE C5 METHYL GROUP OF THYMINE WAS ASSIGNED OCCUPANCY OF 1/6 AND N2 OF GUANINE WAS ASSIGNED OCCUPANCY OF 5/6.
;
_refine.pdbx_starting_model                      'Z-type DNA tetranucleotide built using InsightII' 
_refine.pdbx_method_to_determine_struct          'MOLECULAR REPLACEMENT' 
_refine.pdbx_isotropic_thermal_model             ? 
_refine.pdbx_stereochemistry_target_values       'MAXIMUM LIKELIHOOD' 
_refine.pdbx_stereochem_target_val_spec_case     ? 
_refine.pdbx_R_Free_selection_details            RANDOM 
_refine.pdbx_overall_ESU_R_Free                  0.503 
_refine.overall_SU_ML                            0.339 
_refine.overall_SU_B                             17.621 
_refine.overall_SU_R_Cruickshank_DPI             ? 
_refine.ls_redundancy_reflns_obs                 ? 
_refine.B_iso_min                                ? 
_refine.B_iso_max                                ? 
_refine.overall_SU_R_free                        ? 
_refine.pdbx_overall_ESU_R                       ? 
_refine.ls_wR_factor_R_free                      ? 
_refine.ls_wR_factor_R_work                      ? 
_refine.overall_FOM_free_R_set                   ? 
_refine.overall_FOM_work_R_set                   ? 
_refine.pdbx_overall_phase_error                 ? 
_refine.pdbx_diffrn_id                           1 
_refine.pdbx_refine_id                           'X-RAY DIFFRACTION' 
_refine.pdbx_TLS_residual_ADP_flag               ? 
_refine.pdbx_overall_SU_R_free_Cruickshank_DPI   ? 
_refine.pdbx_overall_SU_R_Blow_DPI               ? 
_refine.pdbx_overall_SU_R_free_Blow_DPI          ? 
# 
_refine_hist.pdbx_refine_id                   'X-RAY DIFFRACTION' 
_refine_hist.cycle_id                         LAST 
_refine_hist.pdbx_number_atoms_protein        0 
_refine_hist.pdbx_number_atoms_nucleic_acid   165 
_refine_hist.pdbx_number_atoms_ligand         0 
_refine_hist.number_atoms_solvent             3 
_refine_hist.number_atoms_total               168 
_refine_hist.d_res_high                       2.72 
_refine_hist.d_res_low                        14.52 
# 
loop_
_refine_ls_restr.type 
_refine_ls_restr.dev_ideal 
_refine_ls_restr.dev_ideal_target 
_refine_ls_restr.weight 
_refine_ls_restr.number 
_refine_ls_restr.pdbx_refine_id 
_refine_ls_restr.pdbx_restraint_function 
r_bond_refined_d             0.014 0.021 ? 183 'X-RAY DIFFRACTION' ? 
r_bond_other_d               ?     ?     ? ?   'X-RAY DIFFRACTION' ? 
r_angle_refined_deg          2.562 3.000 ? 280 'X-RAY DIFFRACTION' ? 
r_angle_other_deg            ?     ?     ? ?   'X-RAY DIFFRACTION' ? 
r_dihedral_angle_1_deg       ?     ?     ? ?   'X-RAY DIFFRACTION' ? 
r_dihedral_angle_2_deg       ?     ?     ? ?   'X-RAY DIFFRACTION' ? 
r_dihedral_angle_3_deg       ?     ?     ? ?   'X-RAY DIFFRACTION' ? 
r_dihedral_angle_4_deg       ?     ?     ? ?   'X-RAY DIFFRACTION' ? 
r_chiral_restr               0.114 0.200 ? 31  'X-RAY DIFFRACTION' ? 
r_gen_planes_refined         0.007 0.020 ? 88  'X-RAY DIFFRACTION' ? 
r_gen_planes_other           ?     ?     ? ?   'X-RAY DIFFRACTION' ? 
r_nbd_refined                0.278 0.200 ? 72  'X-RAY DIFFRACTION' ? 
r_nbd_other                  ?     ?     ? ?   'X-RAY DIFFRACTION' ? 
r_nbtor_refined              0.322 0.200 ? 95  'X-RAY DIFFRACTION' ? 
r_nbtor_other                ?     ?     ? ?   'X-RAY DIFFRACTION' ? 
r_xyhbond_nbd_refined        0.320 0.200 ? 5   'X-RAY DIFFRACTION' ? 
r_xyhbond_nbd_other          ?     ?     ? ?   'X-RAY DIFFRACTION' ? 
r_metal_ion_refined          ?     ?     ? ?   'X-RAY DIFFRACTION' ? 
r_metal_ion_other            ?     ?     ? ?   'X-RAY DIFFRACTION' ? 
r_symmetry_vdw_refined       0.357 0.200 ? 24  'X-RAY DIFFRACTION' ? 
r_symmetry_vdw_other         ?     ?     ? ?   'X-RAY DIFFRACTION' ? 
r_symmetry_hbond_refined     0.236 0.200 ? 2   'X-RAY DIFFRACTION' ? 
r_symmetry_hbond_other       ?     ?     ? ?   'X-RAY DIFFRACTION' ? 
r_symmetry_metal_ion_refined ?     ?     ? ?   'X-RAY DIFFRACTION' ? 
r_symmetry_metal_ion_other   ?     ?     ? ?   'X-RAY DIFFRACTION' ? 
r_mcbond_it                  ?     ?     ? ?   'X-RAY DIFFRACTION' ? 
r_mcbond_other               ?     ?     ? ?   'X-RAY DIFFRACTION' ? 
r_mcangle_it                 ?     ?     ? ?   'X-RAY DIFFRACTION' ? 
r_scbond_it                  1.448 3.000 ? 283 'X-RAY DIFFRACTION' ? 
r_scangle_it                 2.523 4.500 ? 280 'X-RAY DIFFRACTION' ? 
r_rigid_bond_restr           ?     ?     ? ?   'X-RAY DIFFRACTION' ? 
r_sphericity_free            ?     ?     ? ?   'X-RAY DIFFRACTION' ? 
r_sphericity_bonded          ?     ?     ? ?   'X-RAY DIFFRACTION' ? 
# 
_refine_ls_shell.pdbx_refine_id                   'X-RAY DIFFRACTION' 
_refine_ls_shell.pdbx_total_number_of_bins_used   20 
_refine_ls_shell.d_res_high                       2.721 
_refine_ls_shell.d_res_low                        2.789 
_refine_ls_shell.number_reflns_R_work             39 
_refine_ls_shell.R_factor_R_work                  0.519 
_refine_ls_shell.percent_reflns_obs               100.00 
_refine_ls_shell.R_factor_R_free                  0.025 
_refine_ls_shell.R_factor_R_free_error            0 
_refine_ls_shell.percent_reflns_R_free            ? 
_refine_ls_shell.number_reflns_R_free             1 
_refine_ls_shell.number_reflns_all                ? 
_refine_ls_shell.R_factor_all                     ? 
_refine_ls_shell.number_reflns_obs                39 
_refine_ls_shell.redundancy_reflns_obs            ? 
# 
_struct.entry_id                  3ULN 
_struct.title                     
;X-ray Diffraction Studies of Ring Crystals obtained for d(CACGCG).d(CGCGTG): Stage (iii) Hexagonal plates with intense spots and a depression
;
_struct.pdbx_model_details        ? 
_struct.pdbx_CASP_flag            N 
_struct.pdbx_model_type_details   ? 
# 
_struct_keywords.entry_id        3ULN 
_struct_keywords.pdbx_keywords   DNA 
_struct_keywords.text            'Z-type DNA double helix, ring crystal, crystal morphology, DNA' 
# 
loop_
_struct_asym.id 
_struct_asym.pdbx_blank_PDB_chainid_flag 
_struct_asym.pdbx_modified 
_struct_asym.entity_id 
_struct_asym.details 
A N N 1 ? 
B N N 1 ? 
C N N 2 ? 
# 
_struct_ref.id                         1 
_struct_ref.db_name                    PDB 
_struct_ref.db_code                    3ULN 
_struct_ref.pdbx_db_accession          3ULN 
_struct_ref.entity_id                  1 
_struct_ref.pdbx_align_begin           ? 
_struct_ref.pdbx_seq_one_letter_code   ? 
_struct_ref.pdbx_db_isoform            ? 
# 
loop_
_struct_ref_seq.align_id 
_struct_ref_seq.ref_id 
_struct_ref_seq.pdbx_PDB_id_code 
_struct_ref_seq.pdbx_strand_id 
_struct_ref_seq.seq_align_beg 
_struct_ref_seq.pdbx_seq_align_beg_ins_code 
_struct_ref_seq.seq_align_end 
_struct_ref_seq.pdbx_seq_align_end_ins_code 
_struct_ref_seq.pdbx_db_accession 
_struct_ref_seq.db_align_beg 
_struct_ref_seq.pdbx_db_align_beg_ins_code 
_struct_ref_seq.db_align_end 
_struct_ref_seq.pdbx_db_align_end_ins_code 
_struct_ref_seq.pdbx_auth_seq_align_beg 
_struct_ref_seq.pdbx_auth_seq_align_end 
1 1 3ULN A 1 ? 4 ? 3ULN 1 ? 4 ? 1 4 
2 1 3ULN B 1 ? 4 ? 3ULN 5 ? 8 ? 5 8 
# 
_pdbx_struct_assembly.id                   1 
_pdbx_struct_assembly.details              author_and_software_defined_assembly 
_pdbx_struct_assembly.method_details       PISA 
_pdbx_struct_assembly.oligomeric_details   dimeric 
_pdbx_struct_assembly.oligomeric_count     2 
# 
loop_
_pdbx_struct_assembly_prop.biol_id 
_pdbx_struct_assembly_prop.type 
_pdbx_struct_assembly_prop.value 
_pdbx_struct_assembly_prop.details 
1 'ABSA (A^2)' 440  ? 
1 MORE         -11  ? 
1 'SSA (A^2)'  1740 ? 
# 
_pdbx_struct_assembly_gen.assembly_id       1 
_pdbx_struct_assembly_gen.oper_expression   1 
_pdbx_struct_assembly_gen.asym_id_list      A,B,C 
# 
_pdbx_struct_oper_list.id                   1 
_pdbx_struct_oper_list.type                 'identity operation' 
_pdbx_struct_oper_list.name                 1_555 
_pdbx_struct_oper_list.symmetry_operation   x,y,z 
_pdbx_struct_oper_list.matrix[1][1]         1.0000000000 
_pdbx_struct_oper_list.matrix[1][2]         0.0000000000 
_pdbx_struct_oper_list.matrix[1][3]         0.0000000000 
_pdbx_struct_oper_list.vector[1]            0.0000000000 
_pdbx_struct_oper_list.matrix[2][1]         0.0000000000 
_pdbx_struct_oper_list.matrix[2][2]         1.0000000000 
_pdbx_struct_oper_list.matrix[2][3]         0.0000000000 
_pdbx_struct_oper_list.vector[2]            0.0000000000 
_pdbx_struct_oper_list.matrix[3][1]         0.0000000000 
_pdbx_struct_oper_list.matrix[3][2]         0.0000000000 
_pdbx_struct_oper_list.matrix[3][3]         1.0000000000 
_pdbx_struct_oper_list.vector[3]            0.0000000000 
# 
_struct_biol.id        1 
_struct_biol.details   ? 
# 
loop_
_struct_conn.id 
_struct_conn.conn_type_id 
_struct_conn.pdbx_leaving_atom_flag 
_struct_conn.pdbx_PDB_id 
_struct_conn.ptnr1_label_asym_id 
_struct_conn.ptnr1_label_comp_id 
_struct_conn.ptnr1_label_seq_id 
_struct_conn.ptnr1_label_atom_id 
_struct_conn.pdbx_ptnr1_label_alt_id 
_struct_conn.pdbx_ptnr1_PDB_ins_code 
_struct_conn.pdbx_ptnr1_standard_comp_id 
_struct_conn.ptnr1_symmetry 
_struct_conn.ptnr2_label_asym_id 
_struct_conn.ptnr2_label_comp_id 
_struct_conn.ptnr2_label_seq_id 
_struct_conn.ptnr2_label_atom_id 
_struct_conn.pdbx_ptnr2_label_alt_id 
_struct_conn.pdbx_ptnr2_PDB_ins_code 
_struct_conn.ptnr1_auth_asym_id 
_struct_conn.ptnr1_auth_comp_id 
_struct_conn.ptnr1_auth_seq_id 
_struct_conn.ptnr2_auth_asym_id 
_struct_conn.ptnr2_auth_comp_id 
_struct_conn.ptnr2_auth_seq_id 
_struct_conn.ptnr2_symmetry 
_struct_conn.pdbx_ptnr3_label_atom_id 
_struct_conn.pdbx_ptnr3_label_seq_id 
_struct_conn.pdbx_ptnr3_label_comp_id 
_struct_conn.pdbx_ptnr3_label_asym_id 
_struct_conn.pdbx_ptnr3_label_alt_id 
_struct_conn.pdbx_ptnr3_PDB_ins_code 
_struct_conn.details 
_struct_conn.pdbx_dist_value 
_struct_conn.pdbx_value_order 
_struct_conn.pdbx_role 
hydrog1 hydrog ? ? A DT 1 O4 ? ? ? 1_555 B DG 4 N1 ? ? A DT 1 B DG 8 1_555 ? ? ? ? ? ? 'DT-DG MISPAIR' ? ? ? 
hydrog2 hydrog ? ? A DG 2 N1 ? ? ? 1_555 B DT 3 O4 ? ? A DG 2 B DT 7 1_555 ? ? ? ? ? ? TYPE_27_PAIR    ? ? ? 
hydrog3 hydrog ? ? A DG 2 O6 ? ? ? 1_555 B DT 3 N3 ? ? A DG 2 B DT 7 1_555 ? ? ? ? ? ? TYPE_27_PAIR    ? ? ? 
hydrog4 hydrog ? ? A DT 3 O2 ? ? ? 1_555 B DG 2 N2 ? ? A DT 3 B DG 6 1_555 ? ? ? ? ? ? 'DT-DG MISPAIR' ? ? ? 
hydrog5 hydrog ? ? A DG 4 N1 ? ? ? 1_555 B DT 1 O2 ? ? A DG 4 B DT 5 1_555 ? ? ? ? ? ? TYPE_28_PAIR    ? ? ? 
hydrog6 hydrog ? ? A DG 4 O6 ? ? ? 1_555 B DT 1 N3 ? ? A DG 4 B DT 5 1_555 ? ? ? ? ? ? TYPE_28_PAIR    ? ? ? 
# 
_struct_conn_type.id          hydrog 
_struct_conn_type.criteria    ? 
_struct_conn_type.reference   ? 
# 
loop_
_pdbx_validate_rmsd_angle.id 
_pdbx_validate_rmsd_angle.PDB_model_num 
_pdbx_validate_rmsd_angle.auth_atom_id_1 
_pdbx_validate_rmsd_angle.auth_asym_id_1 
_pdbx_validate_rmsd_angle.auth_comp_id_1 
_pdbx_validate_rmsd_angle.auth_seq_id_1 
_pdbx_validate_rmsd_angle.PDB_ins_code_1 
_pdbx_validate_rmsd_angle.label_alt_id_1 
_pdbx_validate_rmsd_angle.auth_atom_id_2 
_pdbx_validate_rmsd_angle.auth_asym_id_2 
_pdbx_validate_rmsd_angle.auth_comp_id_2 
_pdbx_validate_rmsd_angle.auth_seq_id_2 
_pdbx_validate_rmsd_angle.PDB_ins_code_2 
_pdbx_validate_rmsd_angle.label_alt_id_2 
_pdbx_validate_rmsd_angle.auth_atom_id_3 
_pdbx_validate_rmsd_angle.auth_asym_id_3 
_pdbx_validate_rmsd_angle.auth_comp_id_3 
_pdbx_validate_rmsd_angle.auth_seq_id_3 
_pdbx_validate_rmsd_angle.PDB_ins_code_3 
_pdbx_validate_rmsd_angle.label_alt_id_3 
_pdbx_validate_rmsd_angle.angle_value 
_pdbx_validate_rmsd_angle.angle_target_value 
_pdbx_validate_rmsd_angle.angle_deviation 
_pdbx_validate_rmsd_angle.angle_standard_deviation 
_pdbx_validate_rmsd_angle.linker_flag 
1  1 C8    A DG 2 ? ? N9    A DG 2 ? ? C4    A DG 2 ? ? 103.81 106.40 -2.59 0.40 N 
2  1 "C3'" A DT 3 ? ? "C2'" A DT 3 ? ? "C1'" A DT 3 ? ? 96.98  102.40 -5.42 0.80 N 
3  1 "O4'" A DT 3 ? ? "C1'" A DT 3 ? ? N1    A DT 3 ? ? 112.36 108.30 4.06  0.30 N 
4  1 "O5'" A DG 4 ? ? "C5'" A DG 4 ? ? "C4'" A DG 4 ? ? 103.29 109.40 -6.11 0.80 N 
5  1 "O4'" A DG 4 ? ? "C4'" A DG 4 ? ? "C3'" A DG 4 ? ? 100.71 104.50 -3.79 0.40 N 
6  1 N1    A DG 4 ? ? C6    A DG 4 ? ? O6    A DG 4 ? ? 124.12 119.90 4.22  0.60 N 
7  1 "O4'" B DT 5 ? ? "C4'" B DT 5 ? ? "C3'" B DT 5 ? ? 100.67 104.50 -3.83 0.40 N 
8  1 "O4'" B DT 5 ? ? "C1'" B DT 5 ? ? N1    B DT 5 ? ? 101.81 108.00 -6.19 0.70 N 
9  1 "O4'" B DT 7 ? ? "C4'" B DT 7 ? ? "C3'" B DT 7 ? ? 101.95 104.50 -2.55 0.40 N 
10 1 "C3'" B DT 7 ? ? "C2'" B DT 7 ? ? "C1'" B DT 7 ? ? 95.76  102.40 -6.64 0.80 N 
11 1 "O4'" B DG 8 ? ? "C1'" B DG 8 ? ? N9    B DG 8 ? ? 112.68 108.30 4.38  0.30 N 
# 
_pdbx_entry_details.entry_id                 3ULN 
_pdbx_entry_details.nonpolymer_details       ? 
_pdbx_entry_details.sequence_details         'THE ACTUAL DNA SEQUENCE FOR THE THIS STUDY IS D(CACGCG).(CGCGTG)' 
_pdbx_entry_details.compound_details         ? 
_pdbx_entry_details.source_details           ? 
_pdbx_entry_details.has_ligand_of_interest   ? 
# 
loop_
_chem_comp_atom.comp_id 
_chem_comp_atom.atom_id 
_chem_comp_atom.type_symbol 
_chem_comp_atom.pdbx_aromatic_flag 
_chem_comp_atom.pdbx_stereo_config 
_chem_comp_atom.pdbx_ordinal 
DG  OP3    O N N 1  
DG  P      P N N 2  
DG  OP1    O N N 3  
DG  OP2    O N N 4  
DG  "O5'"  O N N 5  
DG  "C5'"  C N N 6  
DG  "C4'"  C N R 7  
DG  "O4'"  O N N 8  
DG  "C3'"  C N S 9  
DG  "O3'"  O N N 10 
DG  "C2'"  C N N 11 
DG  "C1'"  C N R 12 
DG  N9     N Y N 13 
DG  C8     C Y N 14 
DG  N7     N Y N 15 
DG  C5     C Y N 16 
DG  C6     C N N 17 
DG  O6     O N N 18 
DG  N1     N N N 19 
DG  C2     C N N 20 
DG  N2     N N N 21 
DG  N3     N N N 22 
DG  C4     C Y N 23 
DG  HOP3   H N N 24 
DG  HOP2   H N N 25 
DG  "H5'"  H N N 26 
DG  "H5''" H N N 27 
DG  "H4'"  H N N 28 
DG  "H3'"  H N N 29 
DG  "HO3'" H N N 30 
DG  "H2'"  H N N 31 
DG  "H2''" H N N 32 
DG  "H1'"  H N N 33 
DG  H8     H N N 34 
DG  H1     H N N 35 
DG  H21    H N N 36 
DG  H22    H N N 37 
DT  OP3    O N N 38 
DT  P      P N N 39 
DT  OP1    O N N 40 
DT  OP2    O N N 41 
DT  "O5'"  O N N 42 
DT  "C5'"  C N N 43 
DT  "C4'"  C N R 44 
DT  "O4'"  O N N 45 
DT  "C3'"  C N S 46 
DT  "O3'"  O N N 47 
DT  "C2'"  C N N 48 
DT  "C1'"  C N R 49 
DT  N1     N N N 50 
DT  C2     C N N 51 
DT  O2     O N N 52 
DT  N3     N N N 53 
DT  C4     C N N 54 
DT  O4     O N N 55 
DT  C5     C N N 56 
DT  C7     C N N 57 
DT  C6     C N N 58 
DT  HOP3   H N N 59 
DT  HOP2   H N N 60 
DT  "H5'"  H N N 61 
DT  "H5''" H N N 62 
DT  "H4'"  H N N 63 
DT  "H3'"  H N N 64 
DT  "HO3'" H N N 65 
DT  "H2'"  H N N 66 
DT  "H2''" H N N 67 
DT  "H1'"  H N N 68 
DT  H3     H N N 69 
DT  H71    H N N 70 
DT  H72    H N N 71 
DT  H73    H N N 72 
DT  H6     H N N 73 
HOH O      O N N 74 
HOH H1     H N N 75 
HOH H2     H N N 76 
# 
loop_
_chem_comp_bond.comp_id 
_chem_comp_bond.atom_id_1 
_chem_comp_bond.atom_id_2 
_chem_comp_bond.value_order 
_chem_comp_bond.pdbx_aromatic_flag 
_chem_comp_bond.pdbx_stereo_config 
_chem_comp_bond.pdbx_ordinal 
DG  OP3   P      sing N N 1  
DG  OP3   HOP3   sing N N 2  
DG  P     OP1    doub N N 3  
DG  P     OP2    sing N N 4  
DG  P     "O5'"  sing N N 5  
DG  OP2   HOP2   sing N N 6  
DG  "O5'" "C5'"  sing N N 7  
DG  "C5'" "C4'"  sing N N 8  
DG  "C5'" "H5'"  sing N N 9  
DG  "C5'" "H5''" sing N N 10 
DG  "C4'" "O4'"  sing N N 11 
DG  "C4'" "C3'"  sing N N 12 
DG  "C4'" "H4'"  sing N N 13 
DG  "O4'" "C1'"  sing N N 14 
DG  "C3'" "O3'"  sing N N 15 
DG  "C3'" "C2'"  sing N N 16 
DG  "C3'" "H3'"  sing N N 17 
DG  "O3'" "HO3'" sing N N 18 
DG  "C2'" "C1'"  sing N N 19 
DG  "C2'" "H2'"  sing N N 20 
DG  "C2'" "H2''" sing N N 21 
DG  "C1'" N9     sing N N 22 
DG  "C1'" "H1'"  sing N N 23 
DG  N9    C8     sing Y N 24 
DG  N9    C4     sing Y N 25 
DG  C8    N7     doub Y N 26 
DG  C8    H8     sing N N 27 
DG  N7    C5     sing Y N 28 
DG  C5    C6     sing N N 29 
DG  C5    C4     doub Y N 30 
DG  C6    O6     doub N N 31 
DG  C6    N1     sing N N 32 
DG  N1    C2     sing N N 33 
DG  N1    H1     sing N N 34 
DG  C2    N2     sing N N 35 
DG  C2    N3     doub N N 36 
DG  N2    H21    sing N N 37 
DG  N2    H22    sing N N 38 
DG  N3    C4     sing N N 39 
DT  OP3   P      sing N N 40 
DT  OP3   HOP3   sing N N 41 
DT  P     OP1    doub N N 42 
DT  P     OP2    sing N N 43 
DT  P     "O5'"  sing N N 44 
DT  OP2   HOP2   sing N N 45 
DT  "O5'" "C5'"  sing N N 46 
DT  "C5'" "C4'"  sing N N 47 
DT  "C5'" "H5'"  sing N N 48 
DT  "C5'" "H5''" sing N N 49 
DT  "C4'" "O4'"  sing N N 50 
DT  "C4'" "C3'"  sing N N 51 
DT  "C4'" "H4'"  sing N N 52 
DT  "O4'" "C1'"  sing N N 53 
DT  "C3'" "O3'"  sing N N 54 
DT  "C3'" "C2'"  sing N N 55 
DT  "C3'" "H3'"  sing N N 56 
DT  "O3'" "HO3'" sing N N 57 
DT  "C2'" "C1'"  sing N N 58 
DT  "C2'" "H2'"  sing N N 59 
DT  "C2'" "H2''" sing N N 60 
DT  "C1'" N1     sing N N 61 
DT  "C1'" "H1'"  sing N N 62 
DT  N1    C2     sing N N 63 
DT  N1    C6     sing N N 64 
DT  C2    O2     doub N N 65 
DT  C2    N3     sing N N 66 
DT  N3    C4     sing N N 67 
DT  N3    H3     sing N N 68 
DT  C4    O4     doub N N 69 
DT  C4    C5     sing N N 70 
DT  C5    C7     sing N N 71 
DT  C5    C6     doub N N 72 
DT  C7    H71    sing N N 73 
DT  C7    H72    sing N N 74 
DT  C7    H73    sing N N 75 
DT  C6    H6     sing N N 76 
HOH O     H1     sing N N 77 
HOH O     H2     sing N N 78 
# 
loop_
_ndb_struct_conf_na.entry_id 
_ndb_struct_conf_na.feature 
3ULN 'z-form double helix'  
3ULN 'mismatched base pair' 
# 
loop_
_ndb_struct_na_base_pair.model_number 
_ndb_struct_na_base_pair.i_label_asym_id 
_ndb_struct_na_base_pair.i_label_comp_id 
_ndb_struct_na_base_pair.i_label_seq_id 
_ndb_struct_na_base_pair.i_symmetry 
_ndb_struct_na_base_pair.j_label_asym_id 
_ndb_struct_na_base_pair.j_label_comp_id 
_ndb_struct_na_base_pair.j_label_seq_id 
_ndb_struct_na_base_pair.j_symmetry 
_ndb_struct_na_base_pair.shear 
_ndb_struct_na_base_pair.stretch 
_ndb_struct_na_base_pair.stagger 
_ndb_struct_na_base_pair.buckle 
_ndb_struct_na_base_pair.propeller 
_ndb_struct_na_base_pair.opening 
_ndb_struct_na_base_pair.pair_number 
_ndb_struct_na_base_pair.pair_name 
_ndb_struct_na_base_pair.i_auth_asym_id 
_ndb_struct_na_base_pair.i_auth_seq_id 
_ndb_struct_na_base_pair.i_PDB_ins_code 
_ndb_struct_na_base_pair.j_auth_asym_id 
_ndb_struct_na_base_pair.j_auth_seq_id 
_ndb_struct_na_base_pair.j_PDB_ins_code 
_ndb_struct_na_base_pair.hbond_type_28 
_ndb_struct_na_base_pair.hbond_type_12 
1 A DT 1 1_555 B DG 4 1_555 3.190  0.027  0.830 -23.440 24.641 -7.257 1 A_DT1:DG8_B A 1 ? B 8 ? ?  1 
1 A DG 2 1_555 B DT 3 1_555 -0.347 -0.600 0.308 -2.975  11.452 5.517  2 A_DG2:DT7_B A 2 ? B 7 ? 27 1 
1 A DT 3 1_555 B DG 2 1_555 -0.027 -0.108 0.717 -7.535  0.368  13.416 3 A_DT3:DG6_B A 3 ? B 6 ? ?  ? 
1 A DG 4 1_555 B DT 1 1_555 0.586  -0.401 0.144 -10.256 9.011  0.635  4 A_DG4:DT5_B A 4 ? B 5 ? 28 1 
# 
loop_
_ndb_struct_na_base_pair_step.model_number 
_ndb_struct_na_base_pair_step.i_label_asym_id_1 
_ndb_struct_na_base_pair_step.i_label_comp_id_1 
_ndb_struct_na_base_pair_step.i_label_seq_id_1 
_ndb_struct_na_base_pair_step.i_symmetry_1 
_ndb_struct_na_base_pair_step.j_label_asym_id_1 
_ndb_struct_na_base_pair_step.j_label_comp_id_1 
_ndb_struct_na_base_pair_step.j_label_seq_id_1 
_ndb_struct_na_base_pair_step.j_symmetry_1 
_ndb_struct_na_base_pair_step.i_label_asym_id_2 
_ndb_struct_na_base_pair_step.i_label_comp_id_2 
_ndb_struct_na_base_pair_step.i_label_seq_id_2 
_ndb_struct_na_base_pair_step.i_symmetry_2 
_ndb_struct_na_base_pair_step.j_label_asym_id_2 
_ndb_struct_na_base_pair_step.j_label_comp_id_2 
_ndb_struct_na_base_pair_step.j_label_seq_id_2 
_ndb_struct_na_base_pair_step.j_symmetry_2 
_ndb_struct_na_base_pair_step.shift 
_ndb_struct_na_base_pair_step.slide 
_ndb_struct_na_base_pair_step.rise 
_ndb_struct_na_base_pair_step.tilt 
_ndb_struct_na_base_pair_step.roll 
_ndb_struct_na_base_pair_step.twist 
_ndb_struct_na_base_pair_step.x_displacement 
_ndb_struct_na_base_pair_step.y_displacement 
_ndb_struct_na_base_pair_step.helical_rise 
_ndb_struct_na_base_pair_step.inclination 
_ndb_struct_na_base_pair_step.tip 
_ndb_struct_na_base_pair_step.helical_twist 
_ndb_struct_na_base_pair_step.step_number 
_ndb_struct_na_base_pair_step.step_name 
_ndb_struct_na_base_pair_step.i_auth_asym_id_1 
_ndb_struct_na_base_pair_step.i_auth_seq_id_1 
_ndb_struct_na_base_pair_step.i_PDB_ins_code_1 
_ndb_struct_na_base_pair_step.j_auth_asym_id_1 
_ndb_struct_na_base_pair_step.j_auth_seq_id_1 
_ndb_struct_na_base_pair_step.j_PDB_ins_code_1 
_ndb_struct_na_base_pair_step.i_auth_asym_id_2 
_ndb_struct_na_base_pair_step.i_auth_seq_id_2 
_ndb_struct_na_base_pair_step.i_PDB_ins_code_2 
_ndb_struct_na_base_pair_step.j_auth_asym_id_2 
_ndb_struct_na_base_pair_step.j_auth_seq_id_2 
_ndb_struct_na_base_pair_step.j_PDB_ins_code_2 
1 A DT 1 1_555 B DG 4 1_555 A DG 2 1_555 B DT 3 1_555 2.020  5.921  3.230 -1.610 22.824 -33.685 -9.739  2.832  -0.457 -34.845 
-2.458 -40.534 1 AA_DT1DG2:DT7DG8_BB A 1 ? B 8 ? A 2 ? B 7 ? 
1 A DG 2 1_555 B DT 3 1_555 A DT 3 1_555 B DG 2 1_555 -0.040 -1.565 3.668 0.144  2.146  -43.635 1.871   -0.038 3.738  -2.886  
0.193  -43.685 2 AA_DG2DT3:DG6DT7_BB A 2 ? B 7 ? A 3 ? B 6 ? 
1 A DT 3 1_555 B DG 2 1_555 A DG 4 1_555 B DT 1 1_555 -0.212 4.702  3.823 5.006  -0.382 -9.272  -24.808 9.075  3.635  2.169   
28.393 -10.542 3 AA_DT3DG4:DT5DG6_BB A 3 ? B 6 ? A 4 ? B 5 ? 
# 
_pdbx_initial_refinement_model.accession_code   ? 
_pdbx_initial_refinement_model.id               1 
_pdbx_initial_refinement_model.entity_id_list   ? 
_pdbx_initial_refinement_model.type             'in silico model' 
_pdbx_initial_refinement_model.source_name      InsightII 
_pdbx_initial_refinement_model.details          'Z-type DNA tetranucleotide built using InsightII' 
# 
_atom_sites.entry_id                    3ULN 
_atom_sites.fract_transf_matrix[1][1]   0.05119670 
_atom_sites.fract_transf_matrix[1][2]   -0.03382034 
_atom_sites.fract_transf_matrix[1][3]   -0.02087334 
_atom_sites.fract_transf_matrix[2][1]   0.03235347 
_atom_sites.fract_transf_matrix[2][2]   0.01940087 
_atom_sites.fract_transf_matrix[2][3]   -0.05270279 
_atom_sites.fract_transf_matrix[3][1]   0.01398155 
_atom_sites.fract_transf_matrix[3][2]   0.01293006 
_atom_sites.fract_transf_matrix[3][3]   0.01334286 
_atom_sites.fract_transf_vector[1]      0.251898 
_atom_sites.fract_transf_vector[2]      -0.327953 
_atom_sites.fract_transf_vector[3]      -0.136812 
# 
loop_
_atom_type.symbol 
C 
N 
O 
P 
# 
loop_
_atom_site.group_PDB 
_atom_site.id 
_atom_site.type_symbol 
_atom_site.label_atom_id 
_atom_site.label_alt_id 
_atom_site.label_comp_id 
_atom_site.label_asym_id 
_atom_site.label_entity_id 
_atom_site.label_seq_id 
_atom_site.pdbx_PDB_ins_code 
_atom_site.Cartn_x 
_atom_site.Cartn_y 
_atom_site.Cartn_z 
_atom_site.occupancy 
_atom_site.B_iso_or_equiv 
_atom_site.pdbx_formal_charge 
_atom_site.auth_seq_id 
_atom_site.auth_comp_id 
_atom_site.auth_asym_id 
_atom_site.auth_atom_id 
_atom_site.pdbx_PDB_model_num 
ATOM   1   P P     . DT  A 1 1 ? -2.482 7.148   5.211  0.50 45.85 ? 1   DT  A P     1 
ATOM   2   O OP1   . DT  A 1 1 ? -1.750 6.944   3.923  0.50 44.60 ? 1   DT  A OP1   1 
ATOM   3   O OP2   . DT  A 1 1 ? -3.943 6.882   5.328  0.50 45.09 ? 1   DT  A OP2   1 
ATOM   4   O "O5'" . DT  A 1 1 ? -1.752 6.364   6.400  1.00 43.34 ? 1   DT  A "O5'" 1 
ATOM   5   C "C5'" . DT  A 1 1 ? -0.459 5.854   6.187  1.00 44.37 ? 1   DT  A "C5'" 1 
ATOM   6   C "C4'" . DT  A 1 1 ? -0.420 4.451   5.609  1.00 43.99 ? 1   DT  A "C4'" 1 
ATOM   7   O "O4'" . DT  A 1 1 ? -0.200 4.429   4.169  1.00 41.55 ? 1   DT  A "O4'" 1 
ATOM   8   C "C3'" . DT  A 1 1 ? 0.742  3.695   6.223  1.00 44.20 ? 1   DT  A "C3'" 1 
ATOM   9   O "O3'" . DT  A 1 1 ? 0.313  2.384   6.504  1.00 47.56 ? 1   DT  A "O3'" 1 
ATOM   10  C "C2'" . DT  A 1 1 ? 1.839  3.789   5.166  1.00 41.15 ? 1   DT  A "C2'" 1 
ATOM   11  C "C1'" . DT  A 1 1 ? 1.009  3.743   3.903  1.00 37.73 ? 1   DT  A "C1'" 1 
ATOM   12  N N1    . DT  A 1 1 ? 1.613  4.291   2.685  1.00 36.19 ? 1   DT  A N1    1 
ATOM   13  C C2    . DT  A 1 1 ? 2.451  3.473   1.978  1.00 35.38 ? 1   DT  A C2    1 
ATOM   14  O O2    . DT  A 1 1 ? 2.781  2.358   2.308  1.00 35.54 ? 1   DT  A O2    1 
ATOM   15  N N3    . DT  A 1 1 ? 2.930  4.005   0.834  1.00 34.37 ? 1   DT  A N3    1 
ATOM   16  C C4    . DT  A 1 1 ? 2.691  5.249   0.331  1.00 36.43 ? 1   DT  A C4    1 
ATOM   17  O O4    . DT  A 1 1 ? 3.249  5.552   -0.718 1.00 37.30 ? 1   DT  A O4    1 
ATOM   18  C C5    . DT  A 1 1 ? 1.788  6.090   1.106  1.00 36.36 ? 1   DT  A C5    1 
ATOM   19  C C7    . DT  A 1 1 ? 1.408  7.475   0.667  0.17 36.07 ? 1   DT  A C7    1 
ATOM   20  C C6    . DT  A 1 1 ? 1.300  5.563   2.238  1.00 36.90 ? 1   DT  A C6    1 
ATOM   21  P P     . DG  A 1 2 ? 0.859  1.663   7.826  1.00 49.97 ? 2   DG  A P     1 
ATOM   22  O OP1   . DG  A 1 2 ? 1.048  2.764   8.786  1.00 51.66 ? 2   DG  A OP1   1 
ATOM   23  O OP2   . DG  A 1 2 ? 2.048  0.825   7.527  1.00 49.47 ? 2   DG  A OP2   1 
ATOM   24  O "O5'" . DG  A 1 2 ? -0.393 0.761   8.280  1.00 45.86 ? 2   DG  A "O5'" 1 
ATOM   25  C "C5'" . DG  A 1 2 ? -0.920 -0.267  7.472  1.00 41.33 ? 2   DG  A "C5'" 1 
ATOM   26  C "C4'" . DG  A 1 2 ? -2.401 0.000   7.308  1.00 38.68 ? 2   DG  A "C4'" 1 
ATOM   27  O "O4'" . DG  A 1 2 ? -2.541 1.188   6.511  1.00 36.61 ? 2   DG  A "O4'" 1 
ATOM   28  C "C3'" . DG  A 1 2 ? -3.133 -1.039  6.488  1.00 38.86 ? 2   DG  A "C3'" 1 
ATOM   29  O "O3'" . DG  A 1 2 ? -3.624 -2.104  7.350  1.00 41.25 ? 2   DG  A "O3'" 1 
ATOM   30  C "C2'" . DG  A 1 2 ? -4.227 -0.227  5.781  1.00 36.87 ? 2   DG  A "C2'" 1 
ATOM   31  C "C1'" . DG  A 1 2 ? -3.816 1.229   5.929  1.00 36.00 ? 2   DG  A "C1'" 1 
ATOM   32  N N9    . DG  A 1 2 ? -3.765 1.995   4.672  1.00 36.72 ? 2   DG  A N9    1 
ATOM   33  C C8    . DG  A 1 2 ? -4.656 2.954   4.255  1.00 36.74 ? 2   DG  A C8    1 
ATOM   34  N N7    . DG  A 1 2 ? -4.372 3.485   3.093  1.00 36.48 ? 2   DG  A N7    1 
ATOM   35  C C5    . DG  A 1 2 ? -3.217 2.858   2.676  1.00 36.23 ? 2   DG  A C5    1 
ATOM   36  C C6    . DG  A 1 2 ? -2.446 3.011   1.480  1.00 36.69 ? 2   DG  A C6    1 
ATOM   37  O O6    . DG  A 1 2 ? -2.611 3.761   0.499  1.00 35.89 ? 2   DG  A O6    1 
ATOM   38  N N1    . DG  A 1 2 ? -1.346 2.154   1.478  1.00 36.98 ? 2   DG  A N1    1 
ATOM   39  C C2    . DG  A 1 2 ? -1.024 1.263   2.482  1.00 36.75 ? 2   DG  A C2    1 
ATOM   40  N N2    . DG  A 1 2 ? 0.061  0.504   2.320  0.83 36.40 ? 2   DG  A N2    1 
ATOM   41  N N3    . DG  A 1 2 ? -1.733 1.117   3.590  1.00 37.94 ? 2   DG  A N3    1 
ATOM   42  C C4    . DG  A 1 2 ? -2.827 1.941   3.639  1.00 37.74 ? 2   DG  A C4    1 
ATOM   43  P P     . DT  A 1 3 ? -3.764 -3.651  6.904  0.50 42.41 ? 3   DT  A P     1 
ATOM   44  O OP1   . DT  A 1 3 ? -5.186 -3.896  6.602  0.50 41.04 ? 3   DT  A OP1   1 
ATOM   45  O OP2   . DT  A 1 3 ? -3.026 -4.468  7.901  0.50 42.71 ? 3   DT  A OP2   1 
ATOM   46  O "O5'" . DT  A 1 3 ? -2.957 -3.761  5.530  1.00 44.46 ? 3   DT  A "O5'" 1 
ATOM   47  C "C5'" . DT  A 1 3 ? -2.563 -5.031  5.000  1.00 46.23 ? 3   DT  A "C5'" 1 
ATOM   48  C "C4'" . DT  A 1 3 ? -1.936 -4.879  3.612  1.00 46.07 ? 3   DT  A "C4'" 1 
ATOM   49  O "O4'" . DT  A 1 3 ? -2.839 -4.158  2.708  1.00 45.03 ? 3   DT  A "O4'" 1 
ATOM   50  C "C3'" . DT  A 1 3 ? -0.613 -4.113  3.604  1.00 46.36 ? 3   DT  A "C3'" 1 
ATOM   51  O "O3'" . DT  A 1 3 ? 0.238  -4.607  2.606  1.00 47.42 ? 3   DT  A "O3'" 1 
ATOM   52  C "C2'" . DT  A 1 3 ? -1.072 -2.718  3.185  1.00 45.44 ? 3   DT  A "C2'" 1 
ATOM   53  C "C1'" . DT  A 1 3 ? -2.050 -3.164  2.095  1.00 42.45 ? 3   DT  A "C1'" 1 
ATOM   54  N N1    . DT  A 1 3 ? -2.857 -2.111  1.484  1.00 39.49 ? 3   DT  A N1    1 
ATOM   55  C C2    . DT  A 1 3 ? -2.418 -1.672  0.279  1.00 39.72 ? 3   DT  A C2    1 
ATOM   56  O O2    . DT  A 1 3 ? -1.426 -2.114  -0.253 1.00 40.22 ? 3   DT  A O2    1 
ATOM   57  N N3    . DT  A 1 3 ? -3.172 -0.693  -0.294 1.00 40.49 ? 3   DT  A N3    1 
ATOM   58  C C4    . DT  A 1 3 ? -4.309 -0.109  0.233  1.00 41.92 ? 3   DT  A C4    1 
ATOM   59  O O4    . DT  A 1 3 ? -4.902 0.776   -0.386 1.00 41.34 ? 3   DT  A O4    1 
ATOM   60  C C5    . DT  A 1 3 ? -4.732 -0.623  1.527  1.00 41.16 ? 3   DT  A C5    1 
ATOM   61  C C7    . DT  A 1 3 ? -5.957 -0.089  2.217  0.17 40.76 ? 3   DT  A C7    1 
ATOM   62  C C6    . DT  A 1 3 ? -3.984 -1.599  2.076  1.00 40.43 ? 3   DT  A C6    1 
ATOM   63  P P     . DG  A 1 4 ? 1.040  -6.006  2.633  1.00 50.75 ? 4   DG  A P     1 
ATOM   64  O OP1   . DG  A 1 4 ? 2.009  -6.107  3.763  1.00 51.40 ? 4   DG  A OP1   1 
ATOM   65  O OP2   . DG  A 1 4 ? 1.594  -6.136  1.257  1.00 49.63 ? 4   DG  A OP2   1 
ATOM   66  O "O5'" . DG  A 1 4 ? -0.084 -7.103  2.916  1.00 46.18 ? 4   DG  A "O5'" 1 
ATOM   67  C "C5'" . DG  A 1 4 ? 0.148  -8.452  2.528  1.00 39.23 ? 4   DG  A "C5'" 1 
ATOM   68  C "C4'" . DG  A 1 4 ? -1.171 -9.122  2.800  1.00 35.84 ? 4   DG  A "C4'" 1 
ATOM   69  O "O4'" . DG  A 1 4 ? -2.140 -8.096  3.050  1.00 32.42 ? 4   DG  A "O4'" 1 
ATOM   70  C "C3'" . DG  A 1 4 ? -1.785 -9.803  1.614  1.00 35.11 ? 4   DG  A "C3'" 1 
ATOM   71  O "O3'" . DG  A 1 4 ? -1.090 -11.055 1.389  1.00 35.13 ? 4   DG  A "O3'" 1 
ATOM   72  C "C2'" . DG  A 1 4 ? -3.242 -9.905  2.082  1.00 33.28 ? 4   DG  A "C2'" 1 
ATOM   73  C "C1'" . DG  A 1 4 ? -3.390 -8.704  3.020  1.00 31.30 ? 4   DG  A "C1'" 1 
ATOM   74  N N9    . DG  A 1 4 ? -4.350 -7.687  2.589  1.00 32.05 ? 4   DG  A N9    1 
ATOM   75  C C8    . DG  A 1 4 ? -5.521 -7.353  3.233  1.00 32.36 ? 4   DG  A C8    1 
ATOM   76  N N7    . DG  A 1 4 ? -6.238 -6.409  2.667  1.00 32.23 ? 4   DG  A N7    1 
ATOM   77  C C5    . DG  A 1 4 ? -5.482 -6.085  1.558  1.00 31.70 ? 4   DG  A C5    1 
ATOM   78  C C6    . DG  A 1 4 ? -5.774 -5.129  0.572  1.00 31.52 ? 4   DG  A C6    1 
ATOM   79  O O6    . DG  A 1 4 ? -6.783 -4.381  0.514  1.00 30.28 ? 4   DG  A O6    1 
ATOM   80  N N1    . DG  A 1 4 ? -4.731 -5.126  -0.377 1.00 31.64 ? 4   DG  A N1    1 
ATOM   81  C C2    . DG  A 1 4 ? -3.604 -5.922  -0.382 1.00 30.86 ? 4   DG  A C2    1 
ATOM   82  N N2    . DG  A 1 4 ? -2.722 -5.773  -1.374 0.83 30.79 ? 4   DG  A N2    1 
ATOM   83  N N3    . DG  A 1 4 ? -3.340 -6.801  0.552  1.00 31.09 ? 4   DG  A N3    1 
ATOM   84  C C4    . DG  A 1 4 ? -4.321 -6.844  1.486  1.00 32.01 ? 4   DG  A C4    1 
ATOM   85  O "O5'" . DT  B 1 1 ? -4.939 0.472   -8.012 1.00 43.93 ? 5   DT  B "O5'" 1 
ATOM   86  C "C5'" . DT  B 1 1 ? -4.477 0.783   -6.672 1.00 41.17 ? 5   DT  B "C5'" 1 
ATOM   87  C "C4'" . DT  B 1 1 ? -3.154 0.092   -6.314 1.00 39.90 ? 5   DT  B "C4'" 1 
ATOM   88  O "O4'" . DT  B 1 1 ? -3.093 -0.299  -4.910 1.00 37.28 ? 5   DT  B "O4'" 1 
ATOM   89  C "C3'" . DT  B 1 1 ? -2.792 -1.217  -6.985 1.00 39.85 ? 5   DT  B "C3'" 1 
ATOM   90  O "O3'" . DT  B 1 1 ? -1.401 -1.351  -6.738 1.00 42.38 ? 5   DT  B "O3'" 1 
ATOM   91  C "C2'" . DT  B 1 1 ? -3.600 -2.210  -6.155 1.00 37.51 ? 5   DT  B "C2'" 1 
ATOM   92  C "C1'" . DT  B 1 1 ? -3.193 -1.704  -4.779 1.00 34.05 ? 5   DT  B "C1'" 1 
ATOM   93  N N1    . DT  B 1 1 ? -4.179 -1.832  -3.764 1.00 32.27 ? 5   DT  B N1    1 
ATOM   94  C C2    . DT  B 1 1 ? -4.192 -2.872  -2.885 1.00 31.91 ? 5   DT  B C2    1 
ATOM   95  O O2    . DT  B 1 1 ? -3.429 -3.814  -2.870 1.00 31.61 ? 5   DT  B O2    1 
ATOM   96  N N3    . DT  B 1 1 ? -5.199 -2.776  -1.981 1.00 32.91 ? 5   DT  B N3    1 
ATOM   97  C C4    . DT  B 1 1 ? -6.169 -1.799  -1.852 1.00 33.96 ? 5   DT  B C4    1 
ATOM   98  O O4    . DT  B 1 1 ? -7.037 -1.825  -0.992 1.00 34.28 ? 5   DT  B O4    1 
ATOM   99  C C5    . DT  B 1 1 ? -6.090 -0.728  -2.792 1.00 34.20 ? 5   DT  B C5    1 
ATOM   100 C C7    . DT  B 1 1 ? -7.075 0.407   -2.752 0.17 33.08 ? 5   DT  B C7    1 
ATOM   101 C C6    . DT  B 1 1 ? -5.094 -0.811  -3.678 1.00 34.37 ? 5   DT  B C6    1 
ATOM   102 P P     . DG  B 1 2 ? -0.454 -1.573  -7.990 1.00 45.51 ? 6   DG  B P     1 
ATOM   103 O OP1   . DG  B 1 2 ? -0.916 -0.533  -8.948 1.00 45.32 ? 6   DG  B OP1   1 
ATOM   104 O OP2   . DG  B 1 2 ? -0.574 -3.022  -8.257 1.00 43.30 ? 6   DG  B OP2   1 
ATOM   105 O "O5'" . DG  B 1 2 ? 1.100  -1.233  -7.684 1.00 45.76 ? 6   DG  B "O5'" 1 
ATOM   106 C "C5'" . DG  B 1 2 ? 1.572  -0.311  -6.673 1.00 46.78 ? 6   DG  B "C5'" 1 
ATOM   107 C "C4'" . DG  B 1 2 ? 1.614  1.145   -7.108 1.00 46.02 ? 6   DG  B "C4'" 1 
ATOM   108 O "O4'" . DG  B 1 2 ? 0.255  1.606   -7.138 1.00 45.29 ? 6   DG  B "O4'" 1 
ATOM   109 C "C3'" . DG  B 1 2 ? 2.307  2.084   -6.124 1.00 46.81 ? 6   DG  B "C3'" 1 
ATOM   110 O "O3'" . DG  B 1 2 ? 3.704  2.279   -6.465 1.00 45.83 ? 6   DG  B "O3'" 1 
ATOM   111 C "C2'" . DG  B 1 2 ? 1.496  3.377   -6.195 1.00 47.35 ? 6   DG  B "C2'" 1 
ATOM   112 C "C1'" . DG  B 1 2 ? 0.165  2.965   -6.794 1.00 48.81 ? 6   DG  B "C1'" 1 
ATOM   113 N N9    . DG  B 1 2 ? -0.923 3.059   -5.848 1.00 49.48 ? 6   DG  B N9    1 
ATOM   114 C C8    . DG  B 1 2 ? -1.966 3.945   -5.819 1.00 50.19 ? 6   DG  B C8    1 
ATOM   115 N N7    . DG  B 1 2 ? -2.790 3.756   -4.809 1.00 50.48 ? 6   DG  B N7    1 
ATOM   116 C C5    . DG  B 1 2 ? -2.246 2.669   -4.141 1.00 50.63 ? 6   DG  B C5    1 
ATOM   117 C C6    . DG  B 1 2 ? -2.673 1.978   -2.985 1.00 51.15 ? 6   DG  B C6    1 
ATOM   118 O O6    . DG  B 1 2 ? -3.679 2.209   -2.294 1.00 51.10 ? 6   DG  B O6    1 
ATOM   119 N N1    . DG  B 1 2 ? -1.809 0.914   -2.648 1.00 50.76 ? 6   DG  B N1    1 
ATOM   120 C C2    . DG  B 1 2 ? -0.674 0.559   -3.332 1.00 49.72 ? 6   DG  B C2    1 
ATOM   121 N N2    . DG  B 1 2 ? 0.035  -0.475  -2.890 0.83 50.19 ? 6   DG  B N2    1 
ATOM   122 N N3    . DG  B 1 2 ? -0.280 1.186   -4.413 1.00 51.34 ? 6   DG  B N3    1 
ATOM   123 C C4    . DG  B 1 2 ? -1.099 2.227   -4.766 1.00 51.18 ? 6   DG  B C4    1 
ATOM   124 P P     . DT  B 1 3 ? 4.655  3.358   -5.745 0.50 45.55 ? 7   DT  B P     1 
ATOM   125 O OP1   . DT  B 1 3 ? 3.874  4.495   -5.193 0.50 44.78 ? 7   DT  B OP1   1 
ATOM   126 O OP2   . DT  B 1 3 ? 5.763  3.611   -6.689 0.50 46.30 ? 7   DT  B OP2   1 
ATOM   127 O "O5'" . DT  B 1 3 ? 5.270  2.521   -4.529 1.00 46.65 ? 7   DT  B "O5'" 1 
ATOM   128 C "C5'" . DT  B 1 3 ? 4.959  1.128   -4.443 1.00 46.14 ? 7   DT  B "C5'" 1 
ATOM   129 C "C4'" . DT  B 1 3 ? 5.108  0.571   -3.033 1.00 45.57 ? 7   DT  B "C4'" 1 
ATOM   130 O "O4'" . DT  B 1 3 ? 4.424  1.371   -2.049 1.00 43.81 ? 7   DT  B "O4'" 1 
ATOM   131 C "C3'" . DT  B 1 3 ? 4.493  -0.794  -2.810 1.00 46.08 ? 7   DT  B "C3'" 1 
ATOM   132 O "O3'" . DT  B 1 3 ? 5.126  -1.263  -1.644 1.00 47.00 ? 7   DT  B "O3'" 1 
ATOM   133 C "C2'" . DT  B 1 3 ? 3.026  -0.449  -2.581 1.00 44.37 ? 7   DT  B "C2'" 1 
ATOM   134 C "C1'" . DT  B 1 3 ? 3.285  0.678   -1.604 1.00 44.07 ? 7   DT  B "C1'" 1 
ATOM   135 N N1    . DT  B 1 3 ? 2.223  1.650   -1.464 1.00 45.23 ? 7   DT  B N1    1 
ATOM   136 C C2    . DT  B 1 3 ? 1.404  1.448   -0.397 1.00 44.95 ? 7   DT  B C2    1 
ATOM   137 O O2    . DT  B 1 3 ? 1.493  0.519   0.384  1.00 45.23 ? 7   DT  B O2    1 
ATOM   138 N N3    . DT  B 1 3 ? 0.446  2.381   -0.285 1.00 44.63 ? 7   DT  B N3    1 
ATOM   139 C C4    . DT  B 1 3 ? 0.219  3.455   -1.086 1.00 44.47 ? 7   DT  B C4    1 
ATOM   140 O O4    . DT  B 1 3 ? -0.720 4.172   -0.809 1.00 46.32 ? 7   DT  B O4    1 
ATOM   141 C C5    . DT  B 1 3 ? 1.106  3.651   -2.195 1.00 44.29 ? 7   DT  B C5    1 
ATOM   142 C C7    . DT  B 1 3 ? 0.945  4.811   -3.135 0.17 44.50 ? 7   DT  B C7    1 
ATOM   143 C C6    . DT  B 1 3 ? 2.069  2.731   -2.326 1.00 45.91 ? 7   DT  B C6    1 
ATOM   144 P P     . DG  B 1 4 ? 6.064  -2.538  -1.718 1.00 48.06 ? 8   DG  B P     1 
ATOM   145 O OP1   . DG  B 1 4 ? 6.800  -2.448  -3.006 1.00 46.93 ? 8   DG  B OP1   1 
ATOM   146 O OP2   . DG  B 1 4 ? 5.202  -3.660  -1.291 1.00 46.11 ? 8   DG  B OP2   1 
ATOM   147 O "O5'" . DG  B 1 4 ? 7.201  -2.379  -0.607 1.00 50.61 ? 8   DG  B "O5'" 1 
ATOM   148 C "C5'" . DG  B 1 4 ? 7.740  -1.120  -0.261 1.00 51.57 ? 8   DG  B "C5'" 1 
ATOM   149 C "C4'" . DG  B 1 4 ? 8.892  -0.739  -1.163 1.00 51.73 ? 8   DG  B "C4'" 1 
ATOM   150 O "O4'" . DG  B 1 4 ? 8.369  0.336   -1.948 1.00 51.90 ? 8   DG  B "O4'" 1 
ATOM   151 C "C3'" . DG  B 1 4 ? 10.037 -0.113  -0.381 1.00 53.84 ? 8   DG  B "C3'" 1 
ATOM   152 O "O3'" . DG  B 1 4 ? 11.090 -1.051  0.043  1.00 54.29 ? 8   DG  B "O3'" 1 
ATOM   153 C "C2'" . DG  B 1 4 ? 10.533 0.999   -1.295 1.00 53.90 ? 8   DG  B "C2'" 1 
ATOM   154 C "C1'" . DG  B 1 4 ? 9.432  1.158   -2.327 1.00 54.51 ? 8   DG  B "C1'" 1 
ATOM   155 N N9    . DG  B 1 4 ? 9.036  2.551   -2.487 1.00 55.31 ? 8   DG  B N9    1 
ATOM   156 C C8    . DG  B 1 4 ? 9.861  3.489   -3.049 1.00 56.47 ? 8   DG  B C8    1 
ATOM   157 N N7    . DG  B 1 4 ? 9.348  4.684   -3.121 1.00 57.16 ? 8   DG  B N7    1 
ATOM   158 C C5    . DG  B 1 4 ? 8.090  4.546   -2.566 1.00 55.99 ? 8   DG  B C5    1 
ATOM   159 C C6    . DG  B 1 4 ? 7.093  5.547   -2.383 1.00 56.12 ? 8   DG  B C6    1 
ATOM   160 O O6    . DG  B 1 4 ? 7.113  6.764   -2.687 1.00 55.47 ? 8   DG  B O6    1 
ATOM   161 N N1    . DG  B 1 4 ? 5.971  4.993   -1.769 1.00 56.28 ? 8   DG  B N1    1 
ATOM   162 C C2    . DG  B 1 4 ? 5.866  3.664   -1.415 1.00 56.15 ? 8   DG  B C2    1 
ATOM   163 N N2    . DG  B 1 4 ? 4.706  3.340   -0.850 0.83 56.15 ? 8   DG  B N2    1 
ATOM   164 N N3    . DG  B 1 4 ? 6.792  2.724   -1.586 1.00 54.48 ? 8   DG  B N3    1 
ATOM   165 C C4    . DG  B 1 4 ? 7.881  3.232   -2.170 1.00 54.86 ? 8   DG  B C4    1 
HETATM 166 O O     . HOH C 2 . ? 4.666  -6.492  3.498  1.00 39.18 ? 101 HOH A O     1 
HETATM 167 O O     . HOH C 2 . ? 3.483  0.327   10.751 1.00 20.61 ? 102 HOH A O     1 
HETATM 168 O O     . HOH C 2 . ? -5.050 5.921   -1.345 1.00 30.65 ? 103 HOH A O     1 
# 
